data_3R3T
#
_entry.id   3R3T
#
_cell.length_a   82.680
_cell.length_b   82.680
_cell.length_c   59.165
_cell.angle_alpha   90.00
_cell.angle_beta   90.00
_cell.angle_gamma   120.00
#
_symmetry.space_group_name_H-M   'P 31 2 1'
#
loop_
_entity.id
_entity.type
_entity.pdbx_description
1 polymer '30S ribosomal protein S6'
2 non-polymer 'CALCIUM ION'
3 non-polymer GLYCEROL
4 non-polymer 'SULFATE ION'
5 water water
#
_entity_poly.entity_id   1
_entity_poly.type   'polypeptide(L)'
_entity_poly.pdbx_seq_one_letter_code
;SNA(MSE)RKYEI(MSE)YIIRPGVEEEAQKALVERFAGVLTNNGAEIINTKEWGKRRLAYEINDLREGFY(MSE)ILNV
NANAEAINEFDRLAKINEDILRHIVVKEEEK
;
_entity_poly.pdbx_strand_id   A,B
#
loop_
_chem_comp.id
_chem_comp.type
_chem_comp.name
_chem_comp.formula
CA non-polymer 'CALCIUM ION' 'Ca 2'
GOL non-polymer GLYCEROL 'C3 H8 O3'
SO4 non-polymer 'SULFATE ION' 'O4 S -2'
#
# COMPACT_ATOMS: atom_id res chain seq x y z
N ALA A 3 -10.59 -9.34 -23.07
CA ALA A 3 -10.08 -10.09 -21.94
C ALA A 3 -10.83 -9.72 -20.65
N MSE A 4 -10.55 -10.44 -19.57
CA MSE A 4 -11.13 -10.09 -18.26
C MSE A 4 -10.38 -10.70 -17.07
O MSE A 4 -10.09 -11.90 -17.04
CB MSE A 4 -12.62 -10.45 -18.19
CG MSE A 4 -13.52 -9.73 -19.15
SE MSE A 4 -14.82 -8.53 -18.34
CE MSE A 4 -15.74 -9.71 -17.10
N ARG A 5 -10.08 -9.86 -16.08
CA ARG A 5 -9.37 -10.27 -14.87
C ARG A 5 -10.19 -9.82 -13.68
N LYS A 6 -10.03 -10.49 -12.54
CA LYS A 6 -10.69 -9.99 -11.33
C LYS A 6 -9.81 -8.99 -10.59
N TYR A 7 -10.32 -7.78 -10.43
CA TYR A 7 -9.62 -6.70 -9.73
C TYR A 7 -10.34 -6.30 -8.48
N GLU A 8 -9.60 -5.63 -7.62
CA GLU A 8 -10.16 -5.02 -6.45
C GLU A 8 -9.61 -3.60 -6.50
N ILE A 9 -10.44 -2.61 -6.17
CA ILE A 9 -10.04 -1.23 -6.27
C ILE A 9 -10.44 -0.44 -5.05
N MSE A 10 -9.55 0.42 -4.58
CA MSE A 10 -9.86 1.30 -3.48
C MSE A 10 -9.58 2.70 -3.91
O MSE A 10 -8.56 2.96 -4.50
CB MSE A 10 -9.01 1.01 -2.25
CG MSE A 10 -9.40 1.91 -1.08
SE MSE A 10 -8.19 2.03 0.45
CE MSE A 10 -6.93 3.31 -0.34
N TYR A 11 -10.47 3.61 -3.56
CA TYR A 11 -10.19 5.00 -3.81
C TYR A 11 -10.77 5.83 -2.72
N ILE A 12 -10.17 7.00 -2.56
CA ILE A 12 -10.54 7.86 -1.49
C ILE A 12 -10.96 9.17 -2.05
N ILE A 13 -12.15 9.56 -1.62
CA ILE A 13 -12.71 10.84 -1.93
C ILE A 13 -12.36 11.79 -0.80
N ARG A 14 -11.84 12.95 -1.15
CA ARG A 14 -11.44 13.96 -0.18
C ARG A 14 -12.65 14.28 0.65
N PRO A 15 -12.44 14.61 1.93
CA PRO A 15 -13.56 14.68 2.86
C PRO A 15 -14.32 16.01 2.72
N GLY A 16 -13.87 16.89 1.84
CA GLY A 16 -14.49 18.20 1.70
C GLY A 16 -15.73 18.16 0.82
N VAL A 17 -15.89 17.06 0.11
CA VAL A 17 -16.92 16.91 -0.91
C VAL A 17 -18.27 16.67 -0.28
N GLU A 18 -19.28 17.29 -0.88
CA GLU A 18 -20.60 17.33 -0.27
C GLU A 18 -21.47 16.11 -0.60
N GLU A 19 -22.26 15.68 0.38
CA GLU A 19 -23.03 14.45 0.31
C GLU A 19 -23.54 14.11 -1.10
N GLU A 20 -24.30 15.02 -1.73
CA GLU A 20 -24.84 14.78 -3.07
C GLU A 20 -23.73 14.62 -4.11
N ALA A 21 -22.70 15.45 -4.01
CA ALA A 21 -21.57 15.35 -4.90
C ALA A 21 -21.05 13.94 -4.77
N GLN A 22 -20.74 13.55 -3.54
CA GLN A 22 -20.31 12.19 -3.28
C GLN A 22 -21.01 11.25 -4.24
N LYS A 23 -22.27 10.95 -3.94
CA LYS A 23 -22.99 9.96 -4.73
C LYS A 23 -22.75 10.18 -6.22
N ALA A 24 -22.81 11.42 -6.69
CA ALA A 24 -22.60 11.68 -8.11
C ALA A 24 -21.28 11.10 -8.59
N LEU A 25 -20.22 11.31 -7.83
CA LEU A 25 -18.92 10.82 -8.23
C LEU A 25 -18.92 9.32 -8.21
N VAL A 26 -19.42 8.80 -7.10
CA VAL A 26 -19.48 7.37 -6.93
C VAL A 26 -20.21 6.71 -8.07
N GLU A 27 -21.47 7.08 -8.25
CA GLU A 27 -22.24 6.46 -9.30
C GLU A 27 -21.45 6.70 -10.56
N ARG A 28 -20.78 7.85 -10.63
CA ARG A 28 -20.07 8.15 -11.84
C ARG A 28 -19.03 7.08 -12.16
N PHE A 29 -18.18 6.76 -11.19
CA PHE A 29 -17.10 5.84 -11.45
C PHE A 29 -17.54 4.41 -11.77
N ALA A 30 -18.56 3.93 -11.07
CA ALA A 30 -19.15 2.65 -11.43
C ALA A 30 -19.60 2.71 -12.88
N GLY A 31 -20.24 3.82 -13.21
CA GLY A 31 -20.68 4.06 -14.58
C GLY A 31 -19.52 3.95 -15.53
N VAL A 32 -18.39 4.51 -15.13
CA VAL A 32 -17.18 4.47 -15.92
C VAL A 32 -16.73 3.02 -16.14
N LEU A 33 -16.88 2.20 -15.13
CA LEU A 33 -16.40 0.85 -15.24
C LEU A 33 -17.30 0.06 -16.15
N THR A 34 -18.60 0.34 -16.04
CA THR A 34 -19.58 -0.47 -16.73
C THR A 34 -19.57 -0.26 -18.24
N ASN A 35 -19.57 1.00 -18.66
CA ASN A 35 -19.58 1.31 -20.07
C ASN A 35 -18.47 0.66 -20.86
N ASN A 36 -17.57 -0.01 -20.15
CA ASN A 36 -16.40 -0.64 -20.78
C ASN A 36 -16.29 -2.16 -20.56
N GLY A 37 -17.41 -2.81 -20.26
CA GLY A 37 -17.40 -4.26 -20.14
C GLY A 37 -17.06 -4.76 -18.75
N ALA A 38 -16.51 -3.89 -17.91
CA ALA A 38 -16.22 -4.28 -16.55
C ALA A 38 -17.50 -4.74 -15.88
N GLU A 39 -17.35 -5.55 -14.84
CA GLU A 39 -18.51 -6.08 -14.10
C GLU A 39 -18.25 -5.99 -12.60
N ILE A 40 -18.99 -5.10 -11.95
CA ILE A 40 -18.86 -4.89 -10.51
C ILE A 40 -19.65 -5.92 -9.72
N ILE A 41 -18.96 -6.75 -8.94
CA ILE A 41 -19.64 -7.74 -8.14
C ILE A 41 -20.02 -7.22 -6.76
N ASN A 42 -19.29 -6.23 -6.25
CA ASN A 42 -19.63 -5.67 -4.93
C ASN A 42 -18.95 -4.35 -4.56
N THR A 43 -19.69 -3.48 -3.86
CA THR A 43 -19.17 -2.19 -3.42
C THR A 43 -19.42 -1.95 -1.96
N LYS A 44 -18.41 -1.42 -1.30
CA LYS A 44 -18.50 -1.07 0.10
C LYS A 44 -18.08 0.38 0.28
N GLU A 45 -18.81 1.10 1.13
CA GLU A 45 -18.55 2.48 1.42
C GLU A 45 -18.30 2.52 2.91
N TRP A 46 -17.16 3.04 3.33
CA TRP A 46 -16.82 2.99 4.75
C TRP A 46 -17.06 4.35 5.36
N GLY A 47 -17.52 5.26 4.52
CA GLY A 47 -17.77 6.62 4.95
C GLY A 47 -16.44 7.25 5.24
N LYS A 48 -16.47 8.44 5.83
CA LYS A 48 -15.21 9.15 6.08
C LYS A 48 -14.43 8.45 7.19
N ARG A 49 -13.14 8.24 6.95
CA ARG A 49 -12.29 7.50 7.88
C ARG A 49 -10.91 8.18 7.91
N ARG A 50 -10.22 8.06 9.02
CA ARG A 50 -8.80 8.44 9.12
C ARG A 50 -7.96 7.21 9.43
N LEU A 51 -7.33 6.65 8.42
CA LEU A 51 -6.62 5.41 8.63
C LEU A 51 -5.14 5.70 8.58
N ALA A 52 -4.44 5.18 9.58
CA ALA A 52 -3.00 5.26 9.62
C ALA A 52 -2.51 3.94 9.10
N TYR A 53 -1.56 3.99 8.20
CA TYR A 53 -0.98 2.79 7.71
C TYR A 53 0.52 2.79 7.92
N GLU A 54 1.05 1.70 8.41
CA GLU A 54 2.49 1.56 8.35
C GLU A 54 2.84 0.35 7.53
N ILE A 55 3.79 0.54 6.63
CA ILE A 55 4.19 -0.47 5.68
C ILE A 55 5.64 -0.88 5.91
N ASN A 56 5.97 -2.10 5.55
CA ASN A 56 7.34 -2.57 5.72
C ASN A 56 7.61 -3.69 4.74
N ASP A 57 8.62 -3.48 3.91
CA ASP A 57 8.96 -4.44 2.87
C ASP A 57 10.46 -4.51 2.78
N LEU A 58 10.96 -5.49 2.04
CA LEU A 58 12.39 -5.63 1.80
C LEU A 58 12.55 -6.02 0.35
N ARG A 59 13.31 -5.21 -0.38
CA ARG A 59 13.49 -5.46 -1.80
C ARG A 59 14.96 -5.52 -2.16
N GLU A 60 15.34 -6.62 -2.78
CA GLU A 60 16.69 -6.84 -3.23
C GLU A 60 16.64 -7.01 -4.73
N GLY A 61 17.47 -6.26 -5.45
CA GLY A 61 17.53 -6.34 -6.88
C GLY A 61 18.43 -5.23 -7.36
N PHE A 62 18.66 -5.18 -8.66
CA PHE A 62 19.50 -4.15 -9.26
C PHE A 62 18.71 -2.91 -9.51
N TYR A 63 19.10 -1.88 -8.77
CA TYR A 63 18.32 -0.67 -8.67
C TYR A 63 18.70 0.34 -9.74
N MSE A 64 17.69 0.88 -10.38
CA MSE A 64 17.89 1.80 -11.49
C MSE A 64 17.06 3.05 -11.29
O MSE A 64 15.89 2.99 -10.93
CB MSE A 64 17.52 1.07 -12.77
CG MSE A 64 18.55 0.05 -13.18
SE MSE A 64 20.28 0.89 -12.92
CE MSE A 64 20.24 2.13 -14.41
N ILE A 65 17.65 4.20 -11.51
CA ILE A 65 16.93 5.45 -11.36
C ILE A 65 17.04 6.32 -12.59
N LEU A 66 15.93 6.87 -13.04
CA LEU A 66 15.93 7.74 -14.21
C LEU A 66 15.28 9.08 -13.98
N ASN A 67 15.94 10.11 -14.48
CA ASN A 67 15.36 11.43 -14.50
C ASN A 67 14.97 11.72 -15.91
N VAL A 68 13.73 12.12 -16.09
CA VAL A 68 13.22 12.19 -17.44
C VAL A 68 12.16 13.25 -17.65
N ASN A 69 12.29 13.93 -18.77
CA ASN A 69 11.25 14.79 -19.27
C ASN A 69 10.51 14.02 -20.32
N ALA A 70 9.22 13.78 -20.09
CA ALA A 70 8.45 13.00 -21.02
C ALA A 70 6.99 13.43 -21.10
N ASN A 71 6.32 12.96 -22.14
CA ASN A 71 4.89 13.15 -22.26
C ASN A 71 4.14 11.99 -21.63
N ALA A 72 2.88 12.22 -21.33
CA ALA A 72 2.06 11.20 -20.73
C ALA A 72 2.23 9.92 -21.52
N GLU A 73 2.12 10.04 -22.83
CA GLU A 73 2.15 8.89 -23.72
C GLU A 73 3.37 8.02 -23.45
N ALA A 74 4.50 8.67 -23.26
CA ALA A 74 5.76 7.99 -23.08
C ALA A 74 5.75 7.09 -21.86
N ILE A 75 5.22 7.61 -20.76
CA ILE A 75 5.31 6.92 -19.49
C ILE A 75 4.51 5.64 -19.49
N ASN A 76 3.38 5.65 -20.17
CA ASN A 76 2.52 4.50 -20.24
C ASN A 76 3.23 3.37 -20.96
N GLU A 77 3.89 3.73 -22.05
CA GLU A 77 4.69 2.78 -22.78
C GLU A 77 5.71 2.16 -21.85
N PHE A 78 6.44 3.01 -21.13
CA PHE A 78 7.33 2.52 -20.10
C PHE A 78 6.53 1.70 -19.12
N ASP A 79 5.43 2.31 -18.70
CA ASP A 79 4.56 1.68 -17.74
C ASP A 79 4.24 0.29 -18.18
N ARG A 80 3.52 0.21 -19.28
CA ARG A 80 3.04 -1.05 -19.79
C ARG A 80 4.11 -2.12 -19.81
N LEU A 81 5.24 -1.78 -20.43
CA LEU A 81 6.31 -2.76 -20.67
C LEU A 81 6.99 -3.22 -19.39
N ALA A 82 6.98 -2.38 -18.37
CA ALA A 82 7.63 -2.72 -17.12
C ALA A 82 6.80 -3.78 -16.43
N LYS A 83 5.49 -3.61 -16.50
CA LYS A 83 4.57 -4.47 -15.76
C LYS A 83 4.63 -5.91 -16.24
N ILE A 84 4.75 -6.07 -17.53
CA ILE A 84 4.74 -7.41 -18.09
C ILE A 84 6.07 -8.12 -17.86
N ASN A 85 7.17 -7.41 -18.11
CA ASN A 85 8.49 -8.02 -18.05
C ASN A 85 8.81 -8.67 -16.72
N GLU A 86 9.12 -9.96 -16.73
CA GLU A 86 9.29 -10.71 -15.49
C GLU A 86 10.57 -10.31 -14.78
N ASP A 87 11.44 -9.60 -15.49
CA ASP A 87 12.70 -9.16 -14.93
C ASP A 87 12.56 -7.90 -14.07
N ILE A 88 11.49 -7.16 -14.27
CA ILE A 88 11.21 -5.98 -13.43
C ILE A 88 10.26 -6.30 -12.29
N LEU A 89 10.78 -6.26 -11.07
CA LEU A 89 10.00 -6.59 -9.90
C LEU A 89 9.06 -5.43 -9.53
N ARG A 90 9.61 -4.23 -9.40
CA ARG A 90 8.85 -3.09 -8.95
C ARG A 90 9.29 -1.82 -9.66
N HIS A 91 8.37 -0.95 -10.01
CA HIS A 91 8.74 0.31 -10.62
C HIS A 91 7.83 1.41 -10.15
N ILE A 92 8.34 2.63 -10.21
CA ILE A 92 7.71 3.75 -9.54
C ILE A 92 7.92 5.06 -10.27
N VAL A 93 6.91 5.89 -10.21
CA VAL A 93 6.93 7.10 -10.99
C VAL A 93 6.49 8.30 -10.20
N VAL A 94 7.34 9.31 -10.22
CA VAL A 94 6.99 10.57 -9.62
C VAL A 94 7.00 11.65 -10.65
N LYS A 95 5.89 12.35 -10.71
CA LYS A 95 5.81 13.56 -11.47
C LYS A 95 5.53 14.73 -10.53
N GLU A 96 5.92 15.92 -10.98
CA GLU A 96 5.59 17.14 -10.28
C GLU A 96 4.21 17.62 -10.71
N GLU A 97 3.40 18.06 -9.74
CA GLU A 97 2.11 18.63 -10.06
C GLU A 97 1.84 19.80 -9.12
N MSE B 4 -6.06 0.37 23.84
CA MSE B 4 -6.37 -0.56 22.80
C MSE B 4 -6.95 0.12 21.60
O MSE B 4 -7.66 1.09 21.72
CB MSE B 4 -7.39 -1.59 23.27
CG MSE B 4 -6.89 -2.52 24.34
SE MSE B 4 -8.12 -3.99 24.31
CE MSE B 4 -6.81 -5.43 23.99
N ARG B 5 -6.66 -0.41 20.42
CA ARG B 5 -7.21 0.12 19.19
C ARG B 5 -7.54 -1.02 18.29
N LYS B 6 -8.37 -0.76 17.29
CA LYS B 6 -8.60 -1.75 16.28
C LYS B 6 -7.39 -1.73 15.39
N TYR B 7 -6.99 -2.88 14.89
CA TYR B 7 -5.88 -2.94 13.97
C TYR B 7 -6.20 -4.01 12.98
N GLU B 8 -5.65 -3.83 11.80
CA GLU B 8 -5.72 -4.83 10.77
C GLU B 8 -4.27 -5.09 10.42
N ILE B 9 -3.91 -6.34 10.22
CA ILE B 9 -2.52 -6.68 9.99
C ILE B 9 -2.36 -7.69 8.91
N MSE B 10 -1.55 -7.32 7.92
CA MSE B 10 -1.32 -8.14 6.75
C MSE B 10 0.13 -8.58 6.74
O MSE B 10 1.02 -7.78 7.02
CB MSE B 10 -1.61 -7.35 5.50
CG MSE B 10 -2.05 -8.18 4.30
SE MSE B 10 -1.84 -7.33 2.51
CE MSE B 10 0.11 -7.40 2.41
N TYR B 11 0.39 -9.84 6.40
CA TYR B 11 1.78 -10.20 6.14
C TYR B 11 1.95 -11.33 5.15
N ILE B 12 3.11 -11.31 4.53
CA ILE B 12 3.38 -12.25 3.49
C ILE B 12 4.47 -13.18 3.85
N ILE B 13 4.20 -14.45 3.56
CA ILE B 13 5.09 -15.54 3.88
C ILE B 13 5.79 -16.00 2.61
N ARG B 14 7.12 -16.13 2.71
CA ARG B 14 7.92 -16.62 1.60
C ARG B 14 7.18 -17.72 0.89
N PRO B 15 7.20 -17.69 -0.44
CA PRO B 15 6.57 -18.76 -1.22
C PRO B 15 7.32 -20.05 -0.92
N GLY B 16 8.59 -19.91 -0.53
CA GLY B 16 9.43 -21.07 -0.31
C GLY B 16 8.97 -21.98 0.80
N VAL B 17 8.47 -21.39 1.88
CA VAL B 17 8.24 -22.13 3.13
C VAL B 17 7.32 -23.35 3.00
N GLU B 18 7.59 -24.35 3.83
CA GLU B 18 6.81 -25.58 3.81
C GLU B 18 5.63 -25.54 4.77
N GLU B 19 4.81 -26.57 4.68
CA GLU B 19 3.58 -26.65 5.43
C GLU B 19 3.78 -26.53 6.94
N GLU B 20 4.73 -27.32 7.47
CA GLU B 20 4.99 -27.32 8.91
C GLU B 20 5.53 -25.97 9.35
N ALA B 21 6.55 -25.50 8.64
CA ALA B 21 7.22 -24.25 8.98
C ALA B 21 6.19 -23.13 8.98
N GLN B 22 5.50 -23.00 7.85
CA GLN B 22 4.36 -22.12 7.75
C GLN B 22 3.53 -22.25 9.01
N LYS B 23 2.89 -23.40 9.15
CA LYS B 23 2.00 -23.69 10.25
C LYS B 23 2.52 -23.17 11.58
N ALA B 24 3.77 -23.48 11.91
CA ALA B 24 4.35 -22.99 13.15
C ALA B 24 4.34 -21.48 13.14
N LEU B 25 4.72 -20.89 12.03
CA LEU B 25 4.84 -19.44 11.96
C LEU B 25 3.55 -18.75 12.37
N VAL B 26 2.49 -18.99 11.60
CA VAL B 26 1.20 -18.40 11.92
C VAL B 26 0.93 -18.53 13.40
N GLU B 27 1.23 -19.70 13.93
CA GLU B 27 1.01 -19.94 15.33
C GLU B 27 1.92 -19.01 16.12
N ARG B 28 3.21 -19.05 15.82
CA ARG B 28 4.17 -18.25 16.55
C ARG B 28 3.79 -16.77 16.57
N PHE B 29 3.38 -16.23 15.42
CA PHE B 29 3.03 -14.82 15.40
C PHE B 29 1.71 -14.57 16.13
N ALA B 30 0.84 -15.56 16.10
CA ALA B 30 -0.42 -15.46 16.81
C ALA B 30 -0.20 -15.29 18.31
N GLY B 31 0.76 -16.04 18.85
CA GLY B 31 1.03 -16.07 20.27
C GLY B 31 1.55 -14.74 20.75
N VAL B 32 2.54 -14.22 20.04
CA VAL B 32 3.18 -12.96 20.37
C VAL B 32 2.16 -11.89 20.70
N LEU B 33 1.23 -11.68 19.80
CA LEU B 33 0.20 -10.68 19.99
C LEU B 33 -0.55 -10.95 21.25
N THR B 34 -0.95 -12.19 21.42
CA THR B 34 -1.85 -12.50 22.50
C THR B 34 -1.13 -12.51 23.82
N ASN B 35 0.12 -12.96 23.83
CA ASN B 35 0.92 -12.92 25.04
C ASN B 35 1.34 -11.50 25.34
N ASN B 36 1.04 -10.62 24.40
CA ASN B 36 1.24 -9.20 24.57
C ASN B 36 -0.11 -8.55 24.73
N GLY B 37 -1.07 -9.35 25.18
CA GLY B 37 -2.35 -8.84 25.63
C GLY B 37 -3.34 -8.48 24.56
N ALA B 38 -3.08 -8.91 23.34
CA ALA B 38 -3.96 -8.60 22.23
C ALA B 38 -4.98 -9.70 21.96
N GLU B 39 -6.17 -9.28 21.54
CA GLU B 39 -7.25 -10.19 21.18
C GLU B 39 -7.36 -10.27 19.66
N ILE B 40 -7.30 -11.49 19.14
CA ILE B 40 -7.35 -11.67 17.69
C ILE B 40 -8.76 -11.81 17.20
N ILE B 41 -9.33 -10.72 16.73
CA ILE B 41 -10.72 -10.75 16.38
C ILE B 41 -11.02 -11.80 15.31
N ASN B 42 -10.17 -11.91 14.29
CA ASN B 42 -10.43 -12.79 13.15
C ASN B 42 -9.17 -13.05 12.33
N THR B 43 -9.10 -14.20 11.67
CA THR B 43 -7.94 -14.53 10.83
C THR B 43 -8.33 -15.07 9.47
N LYS B 44 -7.62 -14.64 8.42
CA LYS B 44 -7.84 -15.19 7.09
C LYS B 44 -6.55 -15.66 6.46
N GLU B 45 -6.58 -16.90 6.00
CA GLU B 45 -5.47 -17.49 5.32
C GLU B 45 -5.86 -17.45 3.86
N TRP B 46 -5.16 -16.70 3.05
CA TRP B 46 -5.57 -16.57 1.66
C TRP B 46 -4.72 -17.50 0.84
N GLY B 47 -3.75 -18.10 1.50
CA GLY B 47 -2.91 -19.08 0.87
C GLY B 47 -1.88 -18.38 0.01
N LYS B 48 -1.36 -19.08 -0.99
CA LYS B 48 -0.30 -18.52 -1.84
C LYS B 48 -0.88 -17.71 -3.00
N ARG B 49 -0.58 -16.41 -3.01
CA ARG B 49 -1.16 -15.54 -3.99
C ARG B 49 0.00 -14.81 -4.66
N ARG B 50 -0.17 -14.53 -5.95
CA ARG B 50 0.67 -13.58 -6.69
C ARG B 50 -0.23 -12.43 -7.02
N LEU B 51 -0.06 -11.35 -6.28
CA LEU B 51 -0.88 -10.18 -6.48
C LEU B 51 -0.03 -9.10 -7.04
N ALA B 52 -0.49 -8.46 -8.10
CA ALA B 52 0.22 -7.34 -8.64
C ALA B 52 -0.56 -6.10 -8.23
N TYR B 53 0.13 -5.05 -7.80
CA TYR B 53 -0.59 -3.89 -7.31
C TYR B 53 -0.11 -2.58 -7.89
N GLU B 54 -0.98 -1.60 -7.86
CA GLU B 54 -0.64 -0.28 -8.34
C GLU B 54 -1.17 0.78 -7.38
N ILE B 55 -0.26 1.52 -6.76
CA ILE B 55 -0.64 2.60 -5.87
C ILE B 55 -0.58 3.95 -6.58
N ASN B 56 -1.68 4.71 -6.49
CA ASN B 56 -1.74 6.04 -7.10
C ASN B 56 -2.17 7.11 -6.09
N ASP B 57 -1.28 8.06 -5.84
CA ASP B 57 -1.47 9.01 -4.74
C ASP B 57 -0.84 10.36 -5.08
N LEU B 58 -1.39 11.42 -4.48
CA LEU B 58 -0.77 12.73 -4.57
C LEU B 58 -0.62 13.37 -3.19
N ARG B 59 0.61 13.75 -2.84
CA ARG B 59 0.88 14.35 -1.55
C ARG B 59 1.55 15.72 -1.72
N GLU B 60 0.93 16.75 -1.16
CA GLU B 60 1.48 18.09 -1.21
C GLU B 60 2.00 18.52 0.16
N GLY B 61 3.09 19.26 0.19
CA GLY B 61 3.52 19.86 1.43
C GLY B 61 4.97 20.17 1.38
N PHE B 62 5.57 20.37 2.54
CA PHE B 62 6.99 20.64 2.62
C PHE B 62 7.76 19.36 2.74
N TYR B 63 8.60 19.10 1.77
CA TYR B 63 9.31 17.84 1.71
C TYR B 63 10.67 18.02 2.38
N MSE B 64 11.02 17.09 3.27
CA MSE B 64 12.29 17.12 3.97
C MSE B 64 13.00 15.77 3.82
O MSE B 64 12.39 14.73 4.01
CB MSE B 64 12.10 17.46 5.45
CG MSE B 64 11.38 18.77 5.72
SE MSE B 64 12.47 20.35 5.59
CE MSE B 64 11.04 21.63 5.48
N ILE B 65 14.28 15.78 3.45
CA ILE B 65 15.01 14.53 3.26
C ILE B 65 16.36 14.51 3.94
N LEU B 66 16.61 13.45 4.69
CA LEU B 66 17.83 13.30 5.46
C LEU B 66 18.57 12.01 5.18
N ASN B 67 19.89 12.09 5.05
CA ASN B 67 20.72 10.92 5.07
C ASN B 67 21.37 10.91 6.42
N VAL B 68 21.39 9.75 7.04
CA VAL B 68 21.81 9.67 8.42
C VAL B 68 22.47 8.37 8.80
N ASN B 69 23.28 8.44 9.86
CA ASN B 69 23.85 7.25 10.48
C ASN B 69 23.22 7.13 11.85
N ALA B 70 22.47 6.06 12.10
CA ALA B 70 21.80 5.90 13.39
C ALA B 70 21.54 4.45 13.73
N ASN B 71 21.35 4.19 15.01
CA ASN B 71 20.87 2.90 15.48
C ASN B 71 19.34 2.92 15.47
N ALA B 72 18.74 1.80 15.86
CA ALA B 72 17.30 1.64 15.73
C ALA B 72 16.51 2.50 16.69
N GLU B 73 17.03 2.65 17.90
CA GLU B 73 16.30 3.36 18.92
C GLU B 73 16.14 4.82 18.56
N ALA B 74 17.23 5.46 18.19
CA ALA B 74 17.22 6.82 17.68
C ALA B 74 16.17 6.94 16.57
N ILE B 75 16.21 5.96 15.68
CA ILE B 75 15.26 5.89 14.58
C ILE B 75 13.89 5.64 15.17
N ASN B 76 13.77 4.57 15.94
CA ASN B 76 12.52 4.21 16.57
C ASN B 76 11.86 5.39 17.22
N GLU B 77 12.60 6.06 18.07
CA GLU B 77 12.08 7.24 18.74
C GLU B 77 11.56 8.24 17.74
N PHE B 78 12.43 8.65 16.82
CA PHE B 78 12.03 9.57 15.77
C PHE B 78 10.70 9.14 15.19
N ASP B 79 10.65 7.90 14.73
CA ASP B 79 9.44 7.40 14.09
C ASP B 79 8.27 7.77 14.97
N ARG B 80 8.32 7.27 16.19
CA ARG B 80 7.30 7.56 17.19
C ARG B 80 6.81 8.99 17.13
N LEU B 81 7.73 9.94 17.28
CA LEU B 81 7.33 11.35 17.34
C LEU B 81 6.76 11.89 16.03
N ALA B 82 7.20 11.35 14.91
CA ALA B 82 6.66 11.77 13.63
C ALA B 82 5.24 11.27 13.57
N LYS B 83 5.08 10.00 13.91
CA LYS B 83 3.75 9.42 13.90
C LYS B 83 2.87 10.38 14.67
N ILE B 84 3.35 10.81 15.83
CA ILE B 84 2.53 11.63 16.73
C ILE B 84 2.34 13.07 16.24
N ASN B 85 3.41 13.67 15.77
CA ASN B 85 3.34 15.08 15.44
C ASN B 85 2.27 15.38 14.42
N GLU B 86 1.58 16.50 14.60
CA GLU B 86 0.33 16.75 13.91
C GLU B 86 0.57 17.23 12.48
N ASP B 87 1.71 17.88 12.27
CA ASP B 87 1.96 18.61 11.04
C ASP B 87 2.78 17.78 10.06
N ILE B 88 3.06 16.53 10.44
CA ILE B 88 3.72 15.58 9.54
C ILE B 88 2.68 14.70 8.89
N LEU B 89 2.55 14.83 7.57
CA LEU B 89 1.59 14.03 6.85
C LEU B 89 2.05 12.59 6.71
N ARG B 90 3.34 12.43 6.44
CA ARG B 90 3.85 11.15 5.99
C ARG B 90 5.33 11.20 6.24
N HIS B 91 5.93 10.02 6.32
CA HIS B 91 7.36 9.93 6.38
C HIS B 91 7.71 8.49 6.12
N ILE B 92 8.93 8.31 5.62
CA ILE B 92 9.42 7.03 5.17
C ILE B 92 10.86 6.88 5.61
N VAL B 93 11.26 5.68 5.96
CA VAL B 93 12.67 5.44 6.27
C VAL B 93 13.15 4.14 5.63
N VAL B 94 14.36 4.19 5.09
CA VAL B 94 14.90 3.08 4.36
C VAL B 94 16.36 2.91 4.72
N LYS B 95 16.75 1.66 4.94
CA LYS B 95 18.12 1.34 5.22
C LYS B 95 18.53 0.22 4.27
N GLU B 96 19.82 0.03 4.14
CA GLU B 96 20.28 -1.08 3.34
C GLU B 96 20.66 -2.17 4.31
N GLU B 97 20.21 -3.38 4.03
CA GLU B 97 20.38 -4.48 4.95
C GLU B 97 21.84 -4.96 4.99
CA CA C . 7.02 -6.80 -13.97
C1 GOL D . 9.12 4.63 -2.11
O1 GOL D . 10.49 4.51 -1.90
C2 GOL D . 8.88 6.00 -2.72
O2 GOL D . 9.95 6.84 -2.35
C3 GOL D . 7.48 6.48 -2.28
O3 GOL D . 7.21 7.80 -2.65
S SO4 E . 1.95 4.64 -0.09
O1 SO4 E . 1.27 3.36 -0.26
O2 SO4 E . 1.41 5.58 -1.07
O3 SO4 E . 1.74 5.10 1.27
O4 SO4 E . 3.37 4.49 -0.34
CA CA F . 1.71 12.26 11.76
#